data_3K50
#
_entry.id   3K50
#
_cell.length_a   42.274
_cell.length_b   91.435
_cell.length_c   107.126
_cell.angle_alpha   90.000
_cell.angle_beta   90.000
_cell.angle_gamma   90.000
#
_symmetry.space_group_name_H-M   'P 21 21 21'
#
loop_
_entity.id
_entity.type
_entity.pdbx_description
1 polymer 'Putative S41 protease'
2 non-polymer 'CHLORIDE ION'
3 non-polymer GLYCEROL
4 water water
#
_entity_poly.entity_id   1
_entity_poly.type   'polypeptide(L)'
_entity_poly.pdbx_seq_one_letter_code
;GGVDRWPEYYPETGRDIWIDSV(MSE)RQEYLWYRD(MSE)PSPAAPDYFQKPEAFLKKAVAS(MSE)DNGFSKIDSLLD
EPIPSYGFDYTLYKVLDNDTAYNALISYVVPGSPAEEAGLQRGHWI(MSE)(MSE)(MSE)NGDYITKKVESELLQGSTR
QLQIGVYKEVVGEDGEVTGGVVPIGETT(MSE)PASRSLVDKPVHRFEIIPWNGKKVGYL(MSE)YNEFKAGPTTDSQAY
NDDLRRAFRDFQTGGVNEFVLDLRYNTGGSLDCAQLLCT(MSE)LAPADK(MSE)NQLLALLRYSDKRVEANQDLTFNPE
LIQSGANLNLSTVYVLTTNATRGAAE(MSE)VINCLNPY(MSE)KVVLIGTKTAGEYVATKPFVHPTDRFILNLVVCNVY
NAEEKSDYATGFKPTYEYNEDSYLSTYLPFGNTNETLLNAALKI(MSE)SGITDK
;
_entity_poly.pdbx_strand_id   A
#
loop_
_chem_comp.id
_chem_comp.type
_chem_comp.name
_chem_comp.formula
CL non-polymer 'CHLORIDE ION' 'Cl -1'
GOL non-polymer GLYCEROL 'C3 H8 O3'
#
# COMPACT_ATOMS: atom_id res chain seq x y z
N ARG A 5 25.43 29.32 20.11
CA ARG A 5 25.94 30.67 20.56
C ARG A 5 24.98 31.30 21.59
N TRP A 6 23.97 32.02 21.09
CA TRP A 6 22.89 32.58 21.90
C TRP A 6 21.62 32.12 21.19
N PRO A 7 20.48 31.99 21.91
CA PRO A 7 20.27 32.24 23.33
C PRO A 7 20.80 31.12 24.24
N GLU A 8 20.82 31.41 25.54
CA GLU A 8 21.18 30.45 26.58
C GLU A 8 19.88 29.92 27.14
N TYR A 9 19.47 28.76 26.65
CA TYR A 9 18.20 28.16 27.04
C TYR A 9 18.18 27.59 28.48
N TYR A 10 17.11 27.89 29.22
CA TYR A 10 16.93 27.36 30.58
C TYR A 10 16.78 25.83 30.59
N PRO A 11 17.02 25.19 31.76
CA PRO A 11 16.88 23.72 31.85
C PRO A 11 15.44 23.23 32.08
N ASP A 16 9.81 19.51 27.73
CA ASP A 16 8.39 19.90 27.69
C ASP A 16 7.78 19.92 26.26
N ILE A 17 8.64 19.86 25.22
CA ILE A 17 8.18 19.79 23.83
C ILE A 17 7.58 18.40 23.59
N TRP A 18 6.33 18.36 23.13
CA TRP A 18 5.59 17.10 23.00
C TRP A 18 6.29 15.98 22.21
N ILE A 19 6.80 16.30 21.03
CA ILE A 19 7.35 15.31 20.12
C ILE A 19 8.56 14.62 20.79
N ASP A 20 9.35 15.38 21.54
CA ASP A 20 10.49 14.81 22.25
C ASP A 20 10.03 13.87 23.35
N SER A 21 8.93 14.26 24.02
N SER A 21 9.14 14.42 24.18
CA SER A 21 8.38 13.48 25.11
CA SER A 21 8.65 13.80 25.39
C SER A 21 7.68 12.22 24.63
C SER A 21 7.94 12.49 25.12
N VAL A 22 6.72 12.33 23.71
N VAL A 22 7.17 12.49 24.04
CA VAL A 22 6.05 11.15 23.18
CA VAL A 22 6.44 11.31 23.60
C VAL A 22 7.11 10.16 22.64
C VAL A 22 7.39 10.26 23.04
N MSE A 23 8.21 10.64 22.05
CA MSE A 23 9.22 9.71 21.51
C MSE A 23 10.04 9.05 22.63
O MSE A 23 10.29 7.87 22.61
CB MSE A 23 10.19 10.43 20.52
CG MSE A 23 9.56 10.66 19.14
SE MSE A 23 10.85 11.50 17.91
CE MSE A 23 12.05 9.97 17.58
N ARG A 24 10.48 9.82 23.60
CA ARG A 24 11.30 9.25 24.65
C ARG A 24 10.48 8.17 25.44
N GLN A 25 9.15 8.29 25.48
CA GLN A 25 8.34 7.34 26.20
C GLN A 25 7.95 6.15 25.32
N GLU A 26 7.55 6.40 24.08
CA GLU A 26 6.91 5.40 23.24
C GLU A 26 7.71 4.77 22.10
N TYR A 27 8.82 5.38 21.72
CA TYR A 27 9.62 4.92 20.61
C TYR A 27 10.30 3.58 20.88
N LEU A 28 10.22 2.67 19.89
CA LEU A 28 10.89 1.38 19.97
C LEU A 28 12.33 1.59 20.31
N TRP A 29 12.96 2.54 19.63
CA TRP A 29 14.39 2.77 19.72
C TRP A 29 14.76 4.00 20.56
N TYR A 30 14.04 4.23 21.63
CA TYR A 30 14.30 5.43 22.42
C TYR A 30 15.76 5.46 22.91
N ARG A 31 16.35 4.32 23.20
CA ARG A 31 17.70 4.30 23.72
C ARG A 31 18.77 4.76 22.72
N ASP A 32 18.41 4.74 21.44
CA ASP A 32 19.30 5.06 20.34
C ASP A 32 19.00 6.45 19.75
N MSE A 33 18.18 7.23 20.43
CA MSE A 33 18.03 8.60 20.02
C MSE A 33 19.26 9.39 20.40
O MSE A 33 19.94 9.03 21.36
CB MSE A 33 16.82 9.28 20.70
CG MSE A 33 15.47 8.73 20.27
SE MSE A 33 14.00 9.31 21.43
CE MSE A 33 14.10 11.25 21.05
N PRO A 34 19.62 10.41 19.61
CA PRO A 34 20.67 11.40 20.01
C PRO A 34 20.42 11.99 21.38
N SER A 35 21.49 12.44 22.05
CA SER A 35 21.29 13.07 23.37
C SER A 35 20.48 14.39 23.30
N PRO A 36 19.67 14.67 24.34
CA PRO A 36 18.91 15.92 24.36
C PRO A 36 19.80 17.11 24.00
N ALA A 37 19.50 17.72 22.86
CA ALA A 37 20.18 18.92 22.36
C ALA A 37 19.48 20.16 22.94
N ALA A 38 19.80 21.35 22.37
CA ALA A 38 19.16 22.61 22.81
C ALA A 38 17.80 22.68 22.11
N PRO A 39 16.73 23.00 22.88
CA PRO A 39 15.36 22.98 22.33
C PRO A 39 15.17 24.01 21.23
N ASP A 40 14.31 23.68 20.27
CA ASP A 40 14.06 24.57 19.12
C ASP A 40 12.60 24.63 18.92
N TYR A 41 11.99 25.64 19.53
CA TYR A 41 10.55 25.75 19.54
C TYR A 41 9.92 26.12 18.21
N PHE A 42 10.70 26.61 17.25
CA PHE A 42 10.13 27.01 15.95
C PHE A 42 10.30 26.01 14.82
N GLN A 43 11.28 25.13 14.95
CA GLN A 43 11.50 24.02 14.01
C GLN A 43 10.23 23.20 13.70
N LYS A 44 10.03 22.81 12.44
CA LYS A 44 8.93 21.94 12.08
C LYS A 44 9.10 20.54 12.67
N PRO A 45 7.99 19.87 13.03
CA PRO A 45 8.05 18.52 13.57
C PRO A 45 8.84 17.59 12.65
N GLU A 46 8.70 17.75 11.33
CA GLU A 46 9.47 17.02 10.33
C GLU A 46 10.95 17.13 10.57
N ALA A 47 11.42 18.33 10.90
CA ALA A 47 12.85 18.57 11.08
C ALA A 47 13.31 18.01 12.41
N PHE A 48 12.48 18.14 13.44
CA PHE A 48 12.82 17.58 14.71
C PHE A 48 12.99 16.07 14.50
N LEU A 49 11.99 15.46 13.86
CA LEU A 49 11.97 14.00 13.66
C LEU A 49 13.20 13.47 12.97
N LYS A 50 13.61 14.13 11.90
CA LYS A 50 14.71 13.67 11.09
C LYS A 50 15.99 13.63 11.92
N LYS A 51 16.14 14.57 12.86
CA LYS A 51 17.29 14.67 13.74
C LYS A 51 17.20 13.77 14.96
N ALA A 52 15.98 13.45 15.40
CA ALA A 52 15.77 12.64 16.63
C ALA A 52 15.67 11.14 16.43
N VAL A 53 15.31 10.67 15.25
CA VAL A 53 15.19 9.24 15.04
C VAL A 53 16.53 8.53 15.20
N ALA A 54 16.47 7.24 15.48
CA ALA A 54 17.58 6.33 15.52
C ALA A 54 18.03 6.13 14.08
N SER A 55 19.32 5.83 13.87
CA SER A 55 19.82 5.63 12.51
C SER A 55 19.17 4.47 11.79
N MSE A 56 18.59 3.53 12.54
CA MSE A 56 17.89 2.37 11.94
C MSE A 56 16.59 2.80 11.31
O MSE A 56 16.06 2.08 10.49
CB MSE A 56 17.61 1.30 12.97
CG MSE A 56 18.87 0.67 13.64
SE MSE A 56 19.51 1.62 15.15
CE MSE A 56 18.07 1.27 16.55
N ASP A 57 16.10 3.98 11.68
CA ASP A 57 14.78 4.46 11.22
C ASP A 57 14.89 5.12 9.85
N ASN A 58 14.88 4.29 8.80
N ASN A 58 14.95 4.34 8.78
CA ASN A 58 15.01 4.70 7.40
CA ASN A 58 15.14 4.87 7.45
C ASN A 58 13.69 5.19 6.85
C ASN A 58 13.80 5.26 6.81
N GLY A 59 13.20 6.30 7.38
CA GLY A 59 11.93 6.81 6.93
C GLY A 59 10.73 6.02 7.37
N PHE A 60 10.89 5.21 8.43
CA PHE A 60 9.73 4.47 8.92
C PHE A 60 8.80 5.42 9.70
N SER A 61 9.35 6.11 10.68
CA SER A 61 8.59 7.11 11.40
C SER A 61 8.40 8.32 10.53
N LYS A 62 7.24 8.95 10.62
CA LYS A 62 7.00 10.13 9.81
C LYS A 62 5.87 11.03 10.33
N ILE A 63 5.88 12.27 9.85
CA ILE A 63 4.86 13.26 10.20
C ILE A 63 3.83 13.31 9.07
N ASP A 64 2.57 13.29 9.46
CA ASP A 64 1.43 13.45 8.57
C ASP A 64 0.50 14.53 9.12
N SER A 65 -0.06 15.32 8.22
CA SER A 65 -0.97 16.40 8.61
C SER A 65 -2.29 15.82 9.08
N LEU A 66 -2.93 16.53 10.00
CA LEU A 66 -4.23 16.16 10.47
C LEU A 66 -5.19 17.01 9.65
N LEU A 67 -5.92 16.39 8.73
CA LEU A 67 -6.85 17.11 7.85
C LEU A 67 -8.31 16.89 8.25
N ASP A 68 -9.15 17.89 8.05
CA ASP A 68 -10.59 17.75 8.29
C ASP A 68 -11.20 16.75 7.31
N GLU A 69 -10.74 16.78 6.06
CA GLU A 69 -11.17 15.83 5.04
C GLU A 69 -9.99 15.57 4.14
N PRO A 70 -10.01 14.48 3.36
CA PRO A 70 -8.89 14.32 2.39
C PRO A 70 -8.76 15.47 1.40
N ILE A 71 -7.52 15.82 1.05
CA ILE A 71 -7.28 16.90 0.11
C ILE A 71 -8.07 16.55 -1.15
N PRO A 72 -8.84 17.50 -1.69
CA PRO A 72 -9.60 17.14 -2.92
C PRO A 72 -8.74 16.68 -4.08
N SER A 73 -9.31 15.80 -4.92
CA SER A 73 -8.55 15.23 -6.05
C SER A 73 -9.50 14.68 -7.08
N TYR A 74 -8.95 14.37 -8.26
CA TYR A 74 -9.75 13.85 -9.39
C TYR A 74 -10.02 12.32 -9.27
N GLY A 75 -9.20 11.65 -8.46
CA GLY A 75 -9.37 10.25 -8.16
C GLY A 75 -8.52 9.33 -9.01
N PHE A 76 -7.41 9.81 -9.60
CA PHE A 76 -6.51 8.87 -10.33
C PHE A 76 -5.04 9.09 -10.04
N ASP A 77 -4.27 8.02 -10.14
CA ASP A 77 -2.81 8.10 -10.05
C ASP A 77 -2.25 7.89 -11.42
N TYR A 78 -1.04 8.40 -11.65
CA TYR A 78 -0.44 8.33 -12.96
C TYR A 78 1.08 8.34 -12.96
N THR A 79 1.67 8.18 -14.14
CA THR A 79 3.11 8.30 -14.36
C THR A 79 3.27 9.00 -15.67
N LEU A 80 4.19 9.96 -15.70
CA LEU A 80 4.51 10.74 -16.91
C LEU A 80 5.55 10.06 -17.80
N TYR A 81 5.32 10.15 -19.10
CA TYR A 81 6.24 9.65 -20.12
C TYR A 81 6.38 10.75 -21.15
N LYS A 82 7.61 10.98 -21.59
CA LYS A 82 7.91 12.02 -22.58
C LYS A 82 7.19 11.77 -23.91
N VAL A 83 6.62 12.82 -24.50
CA VAL A 83 5.91 12.73 -25.80
C VAL A 83 6.88 12.74 -26.99
N LEU A 84 6.46 12.05 -28.08
CA LEU A 84 7.21 11.91 -29.34
C LEU A 84 7.65 13.25 -29.93
N ASP A 85 8.94 13.54 -29.76
CA ASP A 85 9.55 14.73 -30.32
C ASP A 85 8.97 16.09 -29.84
N ASN A 86 8.14 16.12 -28.78
CA ASN A 86 7.70 17.41 -28.19
C ASN A 86 8.68 17.65 -27.05
N ASP A 87 9.21 18.86 -27.03
CA ASP A 87 10.26 19.23 -26.08
C ASP A 87 9.78 19.25 -24.63
N THR A 88 8.63 19.90 -24.42
CA THR A 88 8.13 20.10 -23.07
C THR A 88 6.97 19.16 -22.65
N ALA A 89 6.45 18.34 -23.60
CA ALA A 89 5.22 17.54 -23.37
C ALA A 89 5.38 16.10 -22.86
N TYR A 90 4.36 15.67 -22.14
CA TYR A 90 4.34 14.34 -21.54
C TYR A 90 2.95 13.78 -21.64
N ASN A 91 2.87 12.45 -21.68
CA ASN A 91 1.61 11.72 -21.62
C ASN A 91 1.51 11.11 -20.22
N ALA A 92 0.33 11.15 -19.60
CA ALA A 92 0.13 10.59 -18.27
C ALA A 92 -0.59 9.21 -18.33
N LEU A 93 0.14 8.15 -18.00
CA LEU A 93 -0.39 6.79 -17.99
C LEU A 93 -1.12 6.55 -16.66
N ILE A 94 -2.42 6.24 -16.72
CA ILE A 94 -3.21 6.04 -15.49
C ILE A 94 -2.92 4.67 -14.88
N SER A 95 -2.59 4.64 -13.58
CA SER A 95 -2.26 3.45 -12.87
C SER A 95 -3.36 2.98 -11.88
N TYR A 96 -4.28 3.83 -11.48
CA TYR A 96 -5.28 3.51 -10.46
C TYR A 96 -6.39 4.56 -10.57
N VAL A 97 -7.65 4.12 -10.52
CA VAL A 97 -8.80 5.02 -10.52
C VAL A 97 -9.64 4.72 -9.30
N VAL A 98 -9.94 5.74 -8.50
CA VAL A 98 -10.74 5.61 -7.31
C VAL A 98 -12.20 5.47 -7.71
N PRO A 99 -12.88 4.43 -7.20
CA PRO A 99 -14.30 4.18 -7.47
C PRO A 99 -15.15 5.38 -7.04
N GLY A 100 -16.05 5.80 -7.90
CA GLY A 100 -16.92 6.89 -7.60
C GLY A 100 -16.32 8.27 -7.73
N SER A 101 -15.14 8.40 -8.32
CA SER A 101 -14.44 9.65 -8.48
C SER A 101 -14.78 10.36 -9.79
N PRO A 102 -14.41 11.64 -9.91
CA PRO A 102 -14.45 12.33 -11.19
C PRO A 102 -13.77 11.55 -12.32
N ALA A 103 -12.64 10.90 -12.05
CA ALA A 103 -11.91 10.11 -13.07
C ALA A 103 -12.79 8.97 -13.62
N GLU A 104 -13.43 8.27 -12.70
CA GLU A 104 -14.29 7.15 -13.05
C GLU A 104 -15.54 7.61 -13.81
N GLU A 105 -16.09 8.75 -13.42
CA GLU A 105 -17.23 9.34 -14.11
C GLU A 105 -16.82 9.77 -15.51
N ALA A 106 -15.55 10.15 -15.68
CA ALA A 106 -15.03 10.56 -16.98
C ALA A 106 -14.85 9.39 -17.95
N GLY A 107 -14.99 8.15 -17.45
CA GLY A 107 -14.82 6.91 -18.24
C GLY A 107 -13.37 6.45 -18.25
N LEU A 108 -12.58 6.89 -17.30
CA LEU A 108 -11.15 6.58 -17.31
C LEU A 108 -10.87 5.26 -16.60
N GLN A 109 -9.83 4.60 -17.06
CA GLN A 109 -9.42 3.32 -16.54
C GLN A 109 -7.92 3.22 -16.52
N ARG A 110 -7.41 2.35 -15.68
CA ARG A 110 -5.99 2.01 -15.72
C ARG A 110 -5.60 1.53 -17.13
N GLY A 111 -4.51 2.10 -17.68
CA GLY A 111 -4.08 1.80 -19.04
C GLY A 111 -4.43 2.94 -20.00
N HIS A 112 -5.36 3.79 -19.62
CA HIS A 112 -5.61 4.97 -20.42
C HIS A 112 -4.49 5.96 -20.18
N TRP A 113 -4.23 6.77 -21.19
CA TRP A 113 -3.20 7.79 -21.13
C TRP A 113 -3.87 9.14 -21.36
N ILE A 114 -3.61 10.11 -20.49
CA ILE A 114 -4.11 11.46 -20.67
C ILE A 114 -3.06 12.18 -21.55
N MSE A 115 -3.49 12.69 -22.70
CA MSE A 115 -2.57 13.31 -23.68
C MSE A 115 -2.67 14.84 -23.79
O MSE A 115 -1.67 15.49 -24.17
CB MSE A 115 -2.80 12.71 -25.07
CG MSE A 115 -2.63 11.23 -25.12
SE MSE A 115 -2.98 10.53 -26.86
CE MSE A 115 -1.23 10.87 -27.76
N MSE A 116 -3.86 15.39 -23.54
CA MSE A 116 -4.11 16.85 -23.55
C MSE A 116 -5.15 17.21 -22.53
O MSE A 116 -6.02 16.38 -22.21
CB MSE A 116 -4.65 17.29 -24.88
CG MSE A 116 -3.84 16.78 -26.04
SE MSE A 116 -2.28 17.79 -26.40
CE MSE A 116 -3.26 18.71 -27.82
N MSE A 117 -5.05 18.43 -21.99
CA MSE A 117 -6.06 18.99 -21.10
C MSE A 117 -6.50 20.31 -21.66
O MSE A 117 -5.71 21.24 -21.80
CB MSE A 117 -5.51 19.21 -19.70
CG MSE A 117 -5.25 17.97 -18.97
SE MSE A 117 -4.93 18.28 -17.07
CE MSE A 117 -3.20 19.28 -17.16
N ASN A 118 -7.78 20.39 -21.99
CA ASN A 118 -8.33 21.62 -22.61
C ASN A 118 -7.46 22.16 -23.74
N GLY A 119 -7.11 21.27 -24.67
CA GLY A 119 -6.30 21.62 -25.83
C GLY A 119 -4.83 21.92 -25.59
N ASP A 120 -4.35 21.84 -24.36
CA ASP A 120 -2.94 22.13 -24.09
C ASP A 120 -2.19 20.88 -23.61
N TYR A 121 -0.90 20.83 -23.93
CA TYR A 121 -0.06 19.71 -23.54
C TYR A 121 0.18 19.65 -22.04
N ILE A 122 0.55 18.49 -21.56
CA ILE A 122 0.91 18.36 -20.16
C ILE A 122 2.41 18.56 -20.13
N THR A 123 2.84 19.53 -19.32
CA THR A 123 4.21 19.91 -19.17
C THR A 123 4.49 19.84 -17.67
N LYS A 124 5.76 19.86 -17.28
CA LYS A 124 6.11 19.82 -15.85
C LYS A 124 5.51 21.02 -15.07
N LYS A 125 5.37 22.15 -15.75
CA LYS A 125 4.80 23.34 -15.12
C LYS A 125 3.37 23.08 -14.67
N VAL A 126 2.58 22.42 -15.54
CA VAL A 126 1.16 22.20 -15.28
C VAL A 126 0.79 20.82 -14.74
N GLU A 127 1.78 19.95 -14.44
CA GLU A 127 1.55 18.60 -13.89
C GLU A 127 0.62 18.53 -12.66
N SER A 128 0.69 19.55 -11.82
CA SER A 128 -0.11 19.57 -10.59
C SER A 128 -1.58 19.79 -10.97
N GLU A 129 -1.85 20.25 -12.19
CA GLU A 129 -3.25 20.36 -12.64
C GLU A 129 -3.89 18.97 -12.85
N LEU A 130 -3.07 17.93 -12.89
CA LEU A 130 -3.59 16.54 -12.95
C LEU A 130 -4.17 16.04 -11.62
N LEU A 131 -3.81 16.71 -10.52
CA LEU A 131 -4.18 16.28 -9.19
C LEU A 131 -5.55 16.80 -8.75
N GLN A 132 -5.85 18.04 -9.09
CA GLN A 132 -7.12 18.66 -8.70
C GLN A 132 -7.39 19.89 -9.52
N GLY A 133 -8.63 20.37 -9.46
CA GLY A 133 -9.02 21.55 -10.20
C GLY A 133 -10.47 21.51 -10.62
N SER A 134 -10.79 22.35 -11.60
CA SER A 134 -12.13 22.45 -12.13
C SER A 134 -12.36 21.36 -13.19
N THR A 135 -13.54 21.38 -13.82
CA THR A 135 -13.89 20.47 -14.88
C THR A 135 -12.86 20.65 -15.98
N ARG A 136 -12.46 19.57 -16.64
CA ARG A 136 -11.44 19.63 -17.70
C ARG A 136 -11.90 18.84 -18.89
N GLN A 137 -11.35 19.19 -20.04
CA GLN A 137 -11.58 18.45 -21.27
C GLN A 137 -10.29 17.69 -21.51
N LEU A 138 -10.39 16.37 -21.70
CA LEU A 138 -9.20 15.57 -21.89
C LEU A 138 -9.14 14.84 -23.23
N GLN A 139 -7.97 14.82 -23.85
CA GLN A 139 -7.73 13.92 -24.99
C GLN A 139 -7.09 12.68 -24.33
N ILE A 140 -7.60 11.50 -24.66
CA ILE A 140 -7.19 10.24 -24.06
C ILE A 140 -6.61 9.34 -25.13
N GLY A 141 -5.60 8.55 -24.77
CA GLY A 141 -4.98 7.59 -25.70
C GLY A 141 -4.79 6.22 -25.10
N VAL A 142 -4.23 5.30 -25.90
CA VAL A 142 -3.84 3.95 -25.46
C VAL A 142 -2.53 3.59 -26.13
N TYR A 143 -1.77 2.70 -25.50
CA TYR A 143 -0.52 2.25 -26.10
C TYR A 143 -0.88 1.20 -27.14
N LYS A 144 -0.38 1.38 -28.36
CA LYS A 144 -0.59 0.44 -29.45
C LYS A 144 0.73 0.04 -30.12
N GLU A 145 0.82 -1.23 -30.54
CA GLU A 145 1.97 -1.77 -31.29
C GLU A 145 1.56 -2.05 -32.75
N VAL A 146 2.50 -1.82 -33.66
CA VAL A 146 2.28 -2.07 -35.09
C VAL A 146 3.51 -2.80 -35.66
N VAL A 147 3.26 -3.82 -36.49
CA VAL A 147 4.31 -4.65 -37.13
C VAL A 147 4.38 -4.36 -38.62
N VAL A 153 8.36 -4.16 -35.24
CA VAL A 153 7.42 -3.70 -34.20
C VAL A 153 7.76 -2.33 -33.55
N THR A 154 6.84 -1.38 -33.74
CA THR A 154 6.93 -0.05 -33.15
C THR A 154 5.70 0.22 -32.25
N GLY A 155 5.92 0.80 -31.08
CA GLY A 155 4.84 1.14 -30.15
C GLY A 155 4.80 2.63 -29.80
N GLY A 156 3.62 3.11 -29.47
CA GLY A 156 3.42 4.49 -29.05
C GLY A 156 2.00 4.70 -28.55
N VAL A 157 1.78 5.86 -27.96
CA VAL A 157 0.49 6.24 -27.43
C VAL A 157 -0.29 6.92 -28.55
N VAL A 158 -1.43 6.35 -28.92
CA VAL A 158 -2.24 6.90 -30.01
C VAL A 158 -3.57 7.42 -29.48
N PRO A 159 -4.00 8.59 -29.98
CA PRO A 159 -5.27 9.09 -29.44
C PRO A 159 -6.43 8.21 -29.84
N ILE A 160 -7.35 8.00 -28.91
CA ILE A 160 -8.55 7.23 -29.18
C ILE A 160 -9.84 8.02 -28.94
N GLY A 161 -9.76 9.18 -28.29
CA GLY A 161 -10.95 9.98 -28.02
C GLY A 161 -10.80 11.10 -27.03
N GLU A 162 -11.94 11.58 -26.55
CA GLU A 162 -12.01 12.67 -25.57
C GLU A 162 -13.08 12.44 -24.50
N THR A 163 -12.90 13.07 -23.35
CA THR A 163 -13.91 13.00 -22.33
C THR A 163 -13.84 14.25 -21.48
N THR A 164 -14.94 14.47 -20.75
CA THR A 164 -15.05 15.58 -19.81
C THR A 164 -14.92 15.04 -18.41
N MSE A 165 -13.96 15.57 -17.64
CA MSE A 165 -13.72 15.14 -16.27
C MSE A 165 -14.28 16.17 -15.32
O MSE A 165 -13.89 17.33 -15.37
CB MSE A 165 -12.24 14.91 -15.97
CG MSE A 165 -12.05 14.27 -14.64
SE MSE A 165 -10.29 13.61 -14.38
CE MSE A 165 -9.30 15.26 -14.62
N PRO A 166 -15.16 15.76 -14.40
CA PRO A 166 -15.71 16.76 -13.48
C PRO A 166 -14.67 17.31 -12.51
N ALA A 167 -15.03 18.39 -11.80
CA ALA A 167 -14.12 19.05 -10.87
C ALA A 167 -13.73 18.10 -9.75
N SER A 168 -12.51 18.27 -9.26
CA SER A 168 -12.04 17.47 -8.16
C SER A 168 -12.90 17.61 -6.90
N ARG A 169 -12.82 16.64 -6.00
CA ARG A 169 -13.56 16.72 -4.74
C ARG A 169 -12.89 15.82 -3.76
N SER A 170 -13.26 15.94 -2.48
CA SER A 170 -12.63 15.17 -1.41
C SER A 170 -13.14 13.74 -1.51
N LEU A 171 -12.24 12.77 -1.68
CA LEU A 171 -12.65 11.36 -1.91
C LEU A 171 -12.17 10.39 -0.84
N VAL A 172 -12.92 9.32 -0.70
CA VAL A 172 -12.55 8.27 0.22
C VAL A 172 -12.38 7.00 -0.62
N ASP A 173 -11.19 6.45 -0.60
CA ASP A 173 -10.90 5.25 -1.38
C ASP A 173 -11.00 3.99 -0.51
N LYS A 174 -11.79 3.02 -0.95
CA LYS A 174 -12.02 1.75 -0.24
C LYS A 174 -10.90 0.69 -0.46
N PRO A 175 -10.43 0.03 0.61
CA PRO A 175 -9.34 -0.93 0.38
C PRO A 175 -9.60 -2.12 -0.56
N VAL A 176 -10.81 -2.69 -0.54
CA VAL A 176 -11.15 -3.81 -1.42
C VAL A 176 -11.40 -3.19 -2.79
N HIS A 177 -10.33 -3.09 -3.56
CA HIS A 177 -10.38 -2.36 -4.85
C HIS A 177 -10.88 -3.13 -6.03
N ARG A 178 -10.52 -4.40 -6.09
CA ARG A 178 -11.01 -5.25 -7.17
C ARG A 178 -11.00 -6.72 -6.71
N PHE A 179 -12.00 -7.45 -7.21
N PHE A 179 -12.01 -7.50 -7.04
CA PHE A 179 -12.32 -8.84 -6.92
CA PHE A 179 -11.96 -8.96 -6.76
C PHE A 179 -12.57 -9.64 -8.17
C PHE A 179 -12.69 -9.74 -7.86
N GLU A 180 -12.07 -10.87 -8.22
CA GLU A 180 -12.47 -11.74 -9.32
C GLU A 180 -12.18 -13.18 -9.01
N ILE A 181 -12.99 -14.07 -9.61
CA ILE A 181 -12.70 -15.50 -9.63
C ILE A 181 -12.37 -15.84 -11.09
N ILE A 182 -11.17 -16.37 -11.31
CA ILE A 182 -10.67 -16.68 -12.63
C ILE A 182 -10.52 -18.18 -12.81
N PRO A 183 -11.26 -18.77 -13.75
CA PRO A 183 -10.97 -20.17 -14.05
C PRO A 183 -9.70 -20.23 -14.92
N TRP A 184 -8.77 -21.09 -14.57
CA TRP A 184 -7.52 -21.09 -15.30
C TRP A 184 -6.84 -22.45 -15.30
N ASN A 185 -6.75 -23.07 -16.47
CA ASN A 185 -6.15 -24.41 -16.58
C ASN A 185 -6.52 -25.40 -15.45
N GLY A 186 -7.81 -25.45 -15.16
CA GLY A 186 -8.34 -26.42 -14.18
C GLY A 186 -8.32 -25.99 -12.74
N LYS A 187 -7.89 -24.75 -12.52
CA LYS A 187 -7.82 -24.15 -11.20
C LYS A 187 -8.88 -23.07 -11.09
N LYS A 188 -9.27 -22.76 -9.87
CA LYS A 188 -10.24 -21.69 -9.61
C LYS A 188 -9.46 -20.67 -8.77
N VAL A 189 -9.14 -19.56 -9.42
CA VAL A 189 -8.23 -18.56 -8.89
C VAL A 189 -8.93 -17.33 -8.36
N GLY A 190 -8.74 -17.11 -7.05
CA GLY A 190 -9.25 -15.90 -6.42
C GLY A 190 -8.25 -14.77 -6.67
N TYR A 191 -8.74 -13.61 -7.12
CA TYR A 191 -7.86 -12.44 -7.33
C TYR A 191 -8.39 -11.30 -6.45
N LEU A 192 -7.52 -10.76 -5.62
CA LEU A 192 -7.88 -9.63 -4.80
C LEU A 192 -6.85 -8.52 -4.85
N MSE A 193 -7.31 -7.34 -5.29
CA MSE A 193 -6.54 -6.11 -5.25
C MSE A 193 -6.96 -5.36 -3.95
O MSE A 193 -8.01 -4.74 -3.91
CB MSE A 193 -6.77 -5.29 -6.52
CG MSE A 193 -5.74 -4.29 -6.81
SE MSE A 193 -5.32 -2.89 -5.50
CE MSE A 193 -3.76 -2.18 -6.45
N TYR A 194 -6.13 -5.51 -2.90
CA TYR A 194 -6.39 -4.98 -1.56
C TYR A 194 -5.39 -3.89 -1.31
N ASN A 195 -5.86 -2.65 -1.22
CA ASN A 195 -4.90 -1.52 -1.32
C ASN A 195 -4.47 -0.81 -0.03
N GLU A 196 -5.08 -1.16 1.10
CA GLU A 196 -4.77 -0.49 2.33
C GLU A 196 -5.29 -1.31 3.49
N PHE A 197 -4.44 -1.51 4.50
CA PHE A 197 -4.88 -2.22 5.70
C PHE A 197 -5.60 -1.22 6.61
N LYS A 198 -6.89 -1.04 6.35
CA LYS A 198 -7.71 -0.10 7.07
C LYS A 198 -9.06 -0.76 7.35
N ALA A 199 -9.51 -0.71 8.59
CA ALA A 199 -10.65 -1.46 9.04
C ALA A 199 -11.95 -0.84 8.62
N GLY A 200 -12.02 0.49 8.58
CA GLY A 200 -13.23 1.21 8.20
C GLY A 200 -12.96 2.71 8.01
N PRO A 201 -13.99 3.47 7.54
CA PRO A 201 -13.82 4.91 7.28
C PRO A 201 -13.63 5.74 8.55
N THR A 202 -14.25 5.36 9.67
CA THR A 202 -14.13 6.07 10.93
C THR A 202 -13.32 5.25 11.94
N THR A 203 -12.92 5.93 13.02
CA THR A 203 -12.06 5.40 14.10
C THR A 203 -12.39 4.00 14.59
N ASP A 204 -13.68 3.71 14.78
CA ASP A 204 -14.08 2.41 15.31
C ASP A 204 -15.00 1.60 14.36
N SER A 205 -14.90 1.85 13.05
CA SER A 205 -15.70 1.13 12.07
C SER A 205 -14.96 -0.12 11.58
N GLN A 206 -15.70 -1.18 11.34
CA GLN A 206 -15.20 -2.42 10.76
C GLN A 206 -15.71 -2.57 9.33
N ALA A 207 -16.32 -1.51 8.80
CA ALA A 207 -16.93 -1.55 7.48
C ALA A 207 -16.02 -2.19 6.40
N TYR A 208 -14.74 -1.84 6.36
CA TYR A 208 -13.89 -2.39 5.26
C TYR A 208 -13.48 -3.80 5.55
N ASN A 209 -13.25 -4.11 6.83
CA ASN A 209 -12.99 -5.49 7.17
C ASN A 209 -14.19 -6.38 6.81
N ASP A 210 -15.41 -5.86 6.95
CA ASP A 210 -16.60 -6.62 6.53
C ASP A 210 -16.68 -6.76 5.00
N ASP A 211 -16.25 -5.75 4.27
CA ASP A 211 -16.12 -5.85 2.80
C ASP A 211 -15.13 -6.99 2.49
N LEU A 212 -14.02 -7.01 3.21
CA LEU A 212 -13.00 -8.08 3.00
C LEU A 212 -13.58 -9.48 3.29
N ARG A 213 -14.32 -9.60 4.39
CA ARG A 213 -14.97 -10.85 4.73
C ARG A 213 -15.91 -11.26 3.64
N ARG A 214 -16.60 -10.29 3.08
CA ARG A 214 -17.62 -10.60 2.08
C ARG A 214 -16.99 -11.18 0.83
N ALA A 215 -15.84 -10.64 0.43
CA ALA A 215 -15.05 -11.11 -0.69
C ALA A 215 -14.61 -12.57 -0.42
N PHE A 216 -14.12 -12.85 0.80
CA PHE A 216 -13.67 -14.22 1.12
C PHE A 216 -14.85 -15.24 1.14
N ARG A 217 -16.02 -14.82 1.63
CA ARG A 217 -17.17 -15.65 1.56
C ARG A 217 -17.48 -16.00 0.08
N ASP A 218 -17.41 -15.02 -0.82
CA ASP A 218 -17.66 -15.21 -2.26
C ASP A 218 -16.58 -16.13 -2.84
N PHE A 219 -15.33 -15.98 -2.38
CA PHE A 219 -14.29 -16.88 -2.84
C PHE A 219 -14.56 -18.32 -2.46
N GLN A 220 -14.99 -18.56 -1.21
CA GLN A 220 -15.26 -19.92 -0.77
C GLN A 220 -16.46 -20.51 -1.56
N THR A 221 -17.52 -19.74 -1.72
CA THR A 221 -18.65 -20.16 -2.49
C THR A 221 -18.23 -20.60 -3.88
N GLY A 222 -17.30 -19.86 -4.49
CA GLY A 222 -16.79 -20.18 -5.81
C GLY A 222 -15.76 -21.32 -5.89
N GLY A 223 -15.36 -21.84 -4.75
CA GLY A 223 -14.44 -22.94 -4.70
C GLY A 223 -13.01 -22.64 -5.05
N VAL A 224 -12.60 -21.40 -4.80
CA VAL A 224 -11.23 -21.00 -5.07
C VAL A 224 -10.22 -21.96 -4.41
N ASN A 225 -9.22 -22.37 -5.17
CA ASN A 225 -8.15 -23.26 -4.68
C ASN A 225 -6.75 -22.70 -5.00
N GLU A 226 -6.68 -21.52 -5.61
CA GLU A 226 -5.41 -20.80 -5.80
C GLU A 226 -5.74 -19.33 -5.53
N PHE A 227 -4.71 -18.51 -5.24
CA PHE A 227 -4.97 -17.11 -4.87
C PHE A 227 -3.83 -16.13 -5.25
N VAL A 228 -4.25 -15.02 -5.85
CA VAL A 228 -3.34 -13.93 -6.20
C VAL A 228 -3.79 -12.70 -5.38
N LEU A 229 -2.98 -12.33 -4.39
CA LEU A 229 -3.22 -11.15 -3.55
C LEU A 229 -2.35 -9.98 -4.10
N ASP A 230 -3.00 -8.97 -4.68
CA ASP A 230 -2.34 -7.85 -5.32
C ASP A 230 -2.16 -6.71 -4.30
N LEU A 231 -0.94 -6.61 -3.76
CA LEU A 231 -0.56 -5.57 -2.79
C LEU A 231 0.40 -4.55 -3.44
N ARG A 232 0.38 -4.46 -4.74
CA ARG A 232 1.41 -3.66 -5.39
C ARG A 232 1.55 -2.20 -4.98
N TYR A 233 0.46 -1.55 -4.60
CA TYR A 233 0.48 -0.18 -4.23
C TYR A 233 0.06 -0.03 -2.79
N ASN A 234 0.09 -1.10 -2.02
CA ASN A 234 -0.34 -1.10 -0.62
C ASN A 234 0.77 -0.66 0.36
N THR A 235 0.62 0.56 0.91
CA THR A 235 1.64 1.19 1.75
C THR A 235 1.50 0.82 3.24
N GLY A 236 0.51 -0.01 3.54
CA GLY A 236 0.38 -0.63 4.85
C GLY A 236 -0.84 -0.21 5.62
N GLY A 237 -0.65 -0.15 6.94
CA GLY A 237 -1.75 0.21 7.83
C GLY A 237 -1.81 -0.63 9.10
N SER A 238 -3.01 -1.13 9.42
CA SER A 238 -3.28 -1.82 10.68
C SER A 238 -2.96 -3.31 10.70
N LEU A 239 -2.30 -3.75 11.76
CA LEU A 239 -1.94 -5.13 11.91
C LEU A 239 -3.13 -6.00 12.21
N ASP A 240 -4.21 -5.43 12.76
CA ASP A 240 -5.39 -6.22 13.02
C ASP A 240 -6.04 -6.62 11.68
N CYS A 241 -5.99 -5.73 10.69
CA CYS A 241 -6.43 -6.05 9.34
C CYS A 241 -5.56 -7.14 8.77
N ALA A 242 -4.26 -7.04 8.99
CA ALA A 242 -3.34 -8.05 8.50
C ALA A 242 -3.61 -9.45 9.11
N GLN A 243 -3.90 -9.50 10.40
CA GLN A 243 -4.23 -10.72 11.08
C GLN A 243 -5.47 -11.31 10.48
N LEU A 244 -6.48 -10.49 10.25
CA LEU A 244 -7.74 -10.98 9.63
C LEU A 244 -7.47 -11.64 8.26
N LEU A 245 -6.76 -10.92 7.39
CA LEU A 245 -6.39 -11.38 6.04
C LEU A 245 -5.63 -12.72 6.11
N CYS A 246 -4.59 -12.78 6.93
CA CYS A 246 -3.85 -14.01 7.08
C CYS A 246 -4.66 -15.17 7.55
N THR A 247 -5.55 -14.91 8.51
CA THR A 247 -6.36 -15.95 9.11
C THR A 247 -7.22 -16.58 8.00
N MSE A 248 -7.68 -15.76 7.06
CA MSE A 248 -8.60 -16.23 6.04
C MSE A 248 -7.89 -16.90 4.84
O MSE A 248 -8.53 -17.68 4.12
CB MSE A 248 -9.56 -15.11 5.62
CG MSE A 248 -10.59 -14.71 6.69
SE MSE A 248 -12.08 -13.61 6.17
CE MSE A 248 -11.10 -12.14 5.57
N LEU A 249 -6.60 -16.66 4.64
CA LEU A 249 -5.85 -17.29 3.53
C LEU A 249 -5.24 -18.61 3.93
N ALA A 250 -4.95 -18.77 5.22
CA ALA A 250 -4.10 -19.84 5.68
C ALA A 250 -4.67 -21.25 5.54
N PRO A 251 -3.78 -22.24 5.55
CA PRO A 251 -4.33 -23.60 5.63
C PRO A 251 -5.13 -23.73 6.91
N ALA A 252 -6.24 -24.42 6.82
CA ALA A 252 -7.16 -24.65 7.91
C ALA A 252 -6.53 -25.37 9.11
N ASP A 253 -5.54 -26.23 8.91
CA ASP A 253 -4.91 -26.84 10.08
C ASP A 253 -4.01 -25.88 10.89
N LYS A 254 -3.87 -24.63 10.45
CA LYS A 254 -3.05 -23.66 11.18
C LYS A 254 -3.82 -22.80 12.16
N MSE A 255 -5.13 -22.99 12.24
CA MSE A 255 -5.90 -22.17 13.13
C MSE A 255 -5.33 -22.28 14.53
O MSE A 255 -5.01 -23.38 14.98
CB MSE A 255 -7.37 -22.55 13.12
CG MSE A 255 -8.11 -22.31 11.79
SE MSE A 255 -7.98 -20.40 11.22
CE MSE A 255 -6.58 -20.49 9.98
N ASN A 256 -5.22 -21.10 15.17
CA ASN A 256 -4.78 -20.94 16.56
C ASN A 256 -3.28 -20.97 16.76
N GLN A 257 -2.53 -21.20 15.69
CA GLN A 257 -1.08 -21.15 15.75
C GLN A 257 -0.60 -19.70 15.77
N LEU A 258 0.61 -19.48 16.27
CA LEU A 258 1.19 -18.15 16.34
C LEU A 258 1.44 -17.53 14.95
N LEU A 259 1.03 -16.28 14.77
CA LEU A 259 1.19 -15.59 13.51
C LEU A 259 2.24 -14.48 13.61
N ALA A 260 2.11 -13.65 14.64
CA ALA A 260 3.01 -12.51 14.83
C ALA A 260 3.24 -12.21 16.29
N LEU A 261 4.46 -11.76 16.57
CA LEU A 261 4.92 -11.47 17.92
C LEU A 261 5.29 -10.01 17.91
N LEU A 262 4.42 -9.19 18.49
CA LEU A 262 4.67 -7.76 18.62
C LEU A 262 5.48 -7.51 19.89
N ARG A 263 6.69 -7.01 19.72
CA ARG A 263 7.61 -6.72 20.81
C ARG A 263 8.06 -5.24 20.84
N TYR A 264 7.62 -4.56 21.89
CA TYR A 264 7.87 -3.15 22.14
C TYR A 264 9.20 -2.97 22.90
N SER A 265 9.53 -1.73 23.30
CA SER A 265 10.80 -1.44 24.00
C SER A 265 10.68 -1.90 25.45
N ASP A 266 11.76 -1.85 26.21
CA ASP A 266 11.71 -2.23 27.64
C ASP A 266 10.84 -1.33 28.51
N LYS A 267 10.35 -0.22 28.00
CA LYS A 267 9.44 0.64 28.72
C LYS A 267 7.98 0.30 28.40
N ARG A 268 7.73 -0.50 27.36
N ARG A 268 7.74 -0.64 27.49
CA ARG A 268 6.36 -0.76 26.91
CA ARG A 268 6.38 -1.00 27.10
C ARG A 268 6.04 -2.25 26.73
C ARG A 268 6.14 -2.53 27.00
N VAL A 269 6.56 -3.06 27.66
N VAL A 269 6.65 -3.32 27.95
CA VAL A 269 6.33 -4.53 27.73
CA VAL A 269 6.36 -4.75 27.88
C VAL A 269 4.84 -4.88 27.81
C VAL A 269 4.84 -5.01 27.96
N GLU A 270 4.12 -4.07 28.56
CA GLU A 270 2.65 -4.17 28.70
C GLU A 270 1.95 -4.24 27.36
N ALA A 271 2.51 -3.58 26.33
CA ALA A 271 1.88 -3.58 24.99
C ALA A 271 2.17 -4.83 24.15
N ASN A 272 3.13 -5.64 24.56
CA ASN A 272 3.50 -6.81 23.76
C ASN A 272 2.26 -7.64 23.50
N GLN A 273 2.22 -8.24 22.31
CA GLN A 273 1.07 -9.04 21.88
C GLN A 273 1.48 -10.19 21.02
N ASP A 274 0.78 -11.32 21.19
CA ASP A 274 0.97 -12.55 20.40
C ASP A 274 -0.28 -12.70 19.55
N LEU A 275 -0.17 -12.41 18.27
CA LEU A 275 -1.31 -12.60 17.35
C LEU A 275 -1.25 -14.02 16.81
N THR A 276 -2.42 -14.65 16.78
CA THR A 276 -2.57 -15.95 16.18
C THR A 276 -3.42 -15.93 14.91
N PHE A 277 -3.41 -17.07 14.20
CA PHE A 277 -4.38 -17.31 13.17
C PHE A 277 -5.64 -17.53 14.01
N ASN A 278 -6.54 -16.54 14.05
CA ASN A 278 -7.67 -16.57 14.99
C ASN A 278 -9.01 -16.76 14.31
N PRO A 279 -9.56 -17.98 14.38
CA PRO A 279 -10.79 -18.26 13.65
C PRO A 279 -12.01 -17.50 14.11
N GLU A 280 -12.00 -16.96 15.33
CA GLU A 280 -13.13 -16.14 15.78
C GLU A 280 -13.19 -14.78 15.04
N LEU A 281 -12.10 -14.41 14.39
CA LEU A 281 -12.08 -13.22 13.55
C LEU A 281 -12.76 -13.40 12.21
N ILE A 282 -13.02 -14.63 11.78
CA ILE A 282 -13.55 -14.84 10.42
C ILE A 282 -14.96 -14.26 10.30
N GLN A 283 -15.80 -14.55 11.29
CA GLN A 283 -17.17 -14.06 11.30
C GLN A 283 -17.85 -14.34 9.97
N SER A 284 -18.38 -13.31 9.28
CA SER A 284 -19.09 -13.48 8.02
C SER A 284 -18.23 -13.82 6.81
N GLY A 285 -16.92 -13.87 6.99
CA GLY A 285 -15.99 -14.26 5.94
C GLY A 285 -15.84 -15.78 5.90
N ALA A 286 -14.71 -16.25 5.36
CA ALA A 286 -14.41 -17.68 5.19
C ALA A 286 -12.92 -17.90 5.12
N ASN A 287 -12.43 -19.01 5.70
CA ASN A 287 -11.05 -19.42 5.55
C ASN A 287 -10.99 -20.25 4.26
N LEU A 288 -9.96 -20.04 3.44
CA LEU A 288 -9.92 -20.70 2.12
C LEU A 288 -9.07 -21.97 2.07
N ASN A 289 -8.41 -22.28 3.19
CA ASN A 289 -7.60 -23.45 3.29
C ASN A 289 -6.63 -23.58 2.15
N LEU A 290 -5.88 -22.53 1.87
CA LEU A 290 -4.91 -22.57 0.78
C LEU A 290 -3.56 -23.03 1.26
N SER A 291 -2.76 -23.57 0.33
CA SER A 291 -1.37 -24.03 0.61
C SER A 291 -0.28 -23.13 -0.03
N THR A 292 -0.67 -22.36 -1.04
CA THR A 292 0.16 -21.44 -1.79
C THR A 292 -0.61 -20.14 -2.02
N VAL A 293 0.09 -19.01 -1.97
CA VAL A 293 -0.48 -17.70 -2.27
C VAL A 293 0.57 -16.94 -3.14
N TYR A 294 0.11 -16.28 -4.20
CA TYR A 294 0.95 -15.42 -5.07
C TYR A 294 0.61 -13.99 -4.63
N VAL A 295 1.65 -13.24 -4.29
CA VAL A 295 1.56 -11.87 -3.80
C VAL A 295 2.28 -10.95 -4.79
N LEU A 296 1.53 -10.01 -5.35
CA LEU A 296 2.06 -9.03 -6.31
C LEU A 296 2.58 -7.79 -5.57
N THR A 297 3.83 -7.44 -5.82
CA THR A 297 4.57 -6.40 -5.05
C THR A 297 5.30 -5.38 -5.88
N THR A 298 5.52 -4.19 -5.30
CA THR A 298 6.41 -3.19 -5.86
C THR A 298 7.13 -2.55 -4.69
N ASN A 299 8.00 -1.61 -4.99
CA ASN A 299 8.66 -0.82 -3.97
C ASN A 299 7.65 -0.11 -3.08
N ALA A 300 6.42 0.15 -3.52
CA ALA A 300 5.44 0.77 -2.66
C ALA A 300 4.89 -0.15 -1.57
N THR A 301 5.01 -1.47 -1.72
CA THR A 301 4.43 -2.46 -0.83
C THR A 301 5.18 -2.39 0.48
N ARG A 302 4.47 -2.02 1.55
CA ARG A 302 5.18 -1.66 2.78
C ARG A 302 4.49 -2.03 4.06
N GLY A 303 5.28 -2.25 5.08
CA GLY A 303 4.74 -2.36 6.43
C GLY A 303 3.85 -3.52 6.76
N ALA A 304 2.61 -3.24 7.08
CA ALA A 304 1.64 -4.31 7.28
C ALA A 304 1.63 -5.26 6.08
N ALA A 305 1.78 -4.72 4.85
CA ALA A 305 1.76 -5.54 3.63
C ALA A 305 2.94 -6.53 3.67
N GLU A 306 4.05 -6.08 4.18
CA GLU A 306 5.27 -6.90 4.30
C GLU A 306 5.16 -7.89 5.44
N MSE A 307 4.44 -7.51 6.46
CA MSE A 307 4.14 -8.40 7.62
C MSE A 307 3.36 -9.62 7.18
O MSE A 307 3.61 -10.72 7.68
CB MSE A 307 3.37 -7.61 8.68
CG MSE A 307 2.87 -8.40 9.94
SE MSE A 307 1.33 -9.64 9.66
CE MSE A 307 0.36 -9.71 11.52
N VAL A 308 2.45 -9.45 6.24
CA VAL A 308 1.68 -10.55 5.73
C VAL A 308 2.58 -11.53 5.05
N ILE A 309 3.48 -11.02 4.26
CA ILE A 309 4.45 -11.91 3.60
C ILE A 309 5.33 -12.61 4.62
N ASN A 310 5.91 -11.86 5.53
CA ASN A 310 6.81 -12.47 6.50
C ASN A 310 6.19 -13.59 7.39
N CYS A 311 4.98 -13.30 7.89
CA CYS A 311 4.21 -14.14 8.79
C CYS A 311 3.52 -15.31 8.15
N LEU A 312 3.10 -15.16 6.90
CA LEU A 312 2.64 -16.36 6.18
C LEU A 312 3.77 -17.29 5.67
N ASN A 313 4.96 -16.74 5.39
CA ASN A 313 6.14 -17.53 4.90
C ASN A 313 6.39 -18.87 5.58
N PRO A 314 6.44 -18.90 6.91
CA PRO A 314 6.68 -20.17 7.64
C PRO A 314 5.57 -21.21 7.54
N TYR A 315 4.37 -20.79 7.14
CA TYR A 315 3.22 -21.68 7.15
C TYR A 315 2.66 -22.14 5.80
N MSE A 316 3.09 -21.51 4.72
CA MSE A 316 2.58 -21.81 3.41
C MSE A 316 3.61 -21.31 2.39
O MSE A 316 4.62 -20.66 2.77
CB MSE A 316 1.15 -21.20 3.23
CG MSE A 316 1.04 -19.74 3.24
SE MSE A 316 -0.77 -19.00 3.28
CE MSE A 316 -1.78 -19.64 1.63
N LYS A 317 3.43 -21.73 1.13
CA LYS A 317 4.26 -21.32 0.02
C LYS A 317 3.76 -19.97 -0.46
N VAL A 318 4.63 -18.98 -0.33
CA VAL A 318 4.32 -17.61 -0.68
C VAL A 318 5.21 -17.27 -1.89
N VAL A 319 4.62 -16.89 -3.03
CA VAL A 319 5.40 -16.60 -4.21
C VAL A 319 5.23 -15.14 -4.48
N LEU A 320 6.33 -14.42 -4.55
CA LEU A 320 6.36 -12.99 -4.77
C LEU A 320 6.70 -12.67 -6.21
N ILE A 321 5.83 -11.88 -6.85
CA ILE A 321 5.93 -11.48 -8.25
C ILE A 321 5.86 -9.98 -8.36
N GLY A 322 6.85 -9.35 -9.00
CA GLY A 322 6.84 -7.87 -9.13
C GLY A 322 8.23 -7.34 -8.87
N THR A 323 8.36 -6.33 -8.00
CA THR A 323 9.65 -5.73 -7.68
C THR A 323 9.81 -5.74 -6.16
N LYS A 324 11.00 -5.48 -5.67
CA LYS A 324 11.28 -5.57 -4.23
C LYS A 324 10.38 -4.68 -3.37
N THR A 325 9.98 -5.17 -2.19
CA THR A 325 9.14 -4.43 -1.22
C THR A 325 9.97 -3.33 -0.53
N ALA A 326 9.32 -2.50 0.27
CA ALA A 326 9.93 -1.28 0.82
C ALA A 326 10.98 -1.49 1.90
N GLY A 327 10.86 -2.57 2.64
CA GLY A 327 11.82 -2.83 3.74
C GLY A 327 11.40 -2.28 5.11
N GLU A 328 10.12 -1.96 5.30
CA GLU A 328 9.67 -1.45 6.60
C GLU A 328 9.37 -2.65 7.56
N TYR A 329 10.37 -3.11 8.33
CA TYR A 329 10.24 -4.36 9.09
C TYR A 329 9.76 -4.18 10.54
N VAL A 330 9.37 -2.95 10.90
CA VAL A 330 8.88 -2.58 12.23
C VAL A 330 7.54 -1.89 12.04
N ALA A 331 6.72 -1.80 13.09
CA ALA A 331 5.40 -1.21 12.96
C ALA A 331 5.36 0.15 13.60
N THR A 332 4.57 1.04 13.00
CA THR A 332 4.31 2.35 13.54
C THR A 332 2.91 2.42 14.16
N LYS A 333 2.74 3.36 15.08
N LYS A 333 2.73 3.39 15.06
CA LYS A 333 1.40 3.68 15.61
CA LYS A 333 1.45 3.73 15.68
C LYS A 333 1.27 5.22 15.53
C LYS A 333 1.27 5.24 15.63
N PRO A 334 0.06 5.73 15.29
CA PRO A 334 -0.17 7.17 15.28
C PRO A 334 -0.33 7.82 16.67
N PHE A 335 0.29 8.99 16.84
CA PHE A 335 0.15 9.79 18.04
C PHE A 335 -0.22 11.19 17.50
N VAL A 336 -1.33 11.73 17.95
CA VAL A 336 -1.82 13.05 17.51
C VAL A 336 -1.36 14.13 18.46
N HIS A 337 -0.77 15.21 17.93
CA HIS A 337 -0.32 16.32 18.78
C HIS A 337 -1.57 16.90 19.46
N PRO A 338 -1.48 17.28 20.73
CA PRO A 338 -2.68 17.83 21.41
C PRO A 338 -3.30 19.07 20.77
N THR A 339 -2.47 19.97 20.25
CA THR A 339 -2.98 21.21 19.68
C THR A 339 -2.53 21.59 18.25
N ASP A 340 -1.37 21.13 17.79
CA ASP A 340 -0.81 21.58 16.51
C ASP A 340 -1.23 20.82 15.29
N ARG A 341 -2.26 20.01 15.40
CA ARG A 341 -2.82 19.33 14.24
C ARG A 341 -1.82 18.58 13.33
N PHE A 342 -0.96 17.76 13.89
CA PHE A 342 -0.23 16.82 13.05
C PHE A 342 -0.25 15.49 13.76
N ILE A 343 0.09 14.46 13.00
CA ILE A 343 0.14 13.09 13.48
C ILE A 343 1.58 12.62 13.32
N LEU A 344 2.12 12.07 14.42
CA LEU A 344 3.44 11.41 14.49
C LEU A 344 3.18 9.93 14.36
N ASN A 345 3.54 9.35 13.20
CA ASN A 345 3.46 7.92 12.96
C ASN A 345 4.83 7.40 13.40
N LEU A 346 4.87 6.87 14.63
CA LEU A 346 6.13 6.47 15.27
C LEU A 346 6.38 4.96 15.35
N VAL A 347 7.60 4.51 15.06
CA VAL A 347 7.95 3.11 15.25
C VAL A 347 7.79 2.79 16.74
N VAL A 348 6.94 1.82 17.05
CA VAL A 348 6.66 1.38 18.41
C VAL A 348 7.07 -0.09 18.70
N CYS A 349 7.00 -0.97 17.72
CA CYS A 349 7.37 -2.37 17.95
C CYS A 349 7.93 -3.13 16.79
N ASN A 350 8.71 -4.14 17.16
CA ASN A 350 9.13 -5.20 16.26
C ASN A 350 7.92 -6.11 16.00
N VAL A 351 7.89 -6.69 14.81
CA VAL A 351 6.81 -7.62 14.42
C VAL A 351 7.44 -8.92 13.87
N TYR A 352 7.73 -9.87 14.77
CA TYR A 352 8.36 -11.12 14.34
C TYR A 352 7.33 -12.11 13.89
N ASN A 353 7.73 -12.99 12.99
CA ASN A 353 6.89 -14.11 12.60
C ASN A 353 7.04 -15.21 13.69
N ALA A 354 6.43 -16.36 13.45
CA ALA A 354 6.44 -17.48 14.42
C ALA A 354 7.84 -18.05 14.61
N GLU A 355 8.75 -17.81 13.67
CA GLU A 355 10.13 -18.24 13.78
C GLU A 355 11.03 -17.17 14.41
N GLU A 356 10.41 -16.18 15.05
CA GLU A 356 11.09 -15.08 15.71
C GLU A 356 11.94 -14.22 14.78
N LYS A 357 11.50 -14.03 13.55
CA LYS A 357 12.27 -13.25 12.56
C LYS A 357 11.43 -12.21 11.83
N SER A 358 12.12 -11.15 11.40
CA SER A 358 11.59 -10.04 10.59
C SER A 358 12.80 -9.53 9.79
N ASP A 359 13.54 -10.46 9.24
N ASP A 359 13.51 -10.48 9.20
CA ASP A 359 14.80 -10.16 8.69
CA ASP A 359 14.76 -10.27 8.51
C ASP A 359 14.74 -9.88 7.15
C ASP A 359 14.58 -9.96 7.03
N TYR A 360 13.99 -8.80 6.81
CA TYR A 360 13.78 -8.32 5.45
C TYR A 360 14.11 -6.84 5.34
N ALA A 361 15.14 -6.41 6.07
CA ALA A 361 15.69 -5.07 5.90
C ALA A 361 15.99 -4.94 4.39
N THR A 362 15.72 -3.77 3.84
CA THR A 362 15.89 -3.46 2.40
C THR A 362 14.82 -4.05 1.48
N GLY A 363 13.93 -4.89 2.03
CA GLY A 363 12.79 -5.40 1.29
C GLY A 363 12.85 -6.88 0.93
N PHE A 364 11.68 -7.41 0.59
CA PHE A 364 11.63 -8.78 0.12
C PHE A 364 11.87 -8.75 -1.39
N LYS A 365 12.86 -9.50 -1.81
CA LYS A 365 13.15 -9.66 -3.21
C LYS A 365 12.09 -10.54 -3.87
N PRO A 366 11.65 -10.18 -5.06
CA PRO A 366 10.64 -11.09 -5.60
C PRO A 366 11.20 -12.45 -6.03
N THR A 367 10.35 -13.46 -6.02
CA THR A 367 10.66 -14.78 -6.55
C THR A 367 10.83 -14.63 -8.06
N TYR A 368 9.97 -13.86 -8.70
CA TYR A 368 10.09 -13.61 -10.10
C TYR A 368 9.96 -12.10 -10.35
N GLU A 369 11.02 -11.48 -10.90
CA GLU A 369 11.01 -10.03 -11.07
C GLU A 369 10.35 -9.56 -12.36
N TYR A 370 9.29 -8.76 -12.19
CA TYR A 370 8.53 -8.15 -13.25
C TYR A 370 8.27 -6.68 -12.91
N ASN A 371 8.86 -5.78 -13.70
CA ASN A 371 8.63 -4.35 -13.54
C ASN A 371 7.46 -4.00 -14.46
N GLU A 372 6.33 -3.61 -13.89
CA GLU A 372 5.14 -3.36 -14.70
C GLU A 372 5.35 -2.25 -15.76
N ASP A 373 6.20 -1.26 -15.44
CA ASP A 373 6.51 -0.20 -16.38
C ASP A 373 7.27 -0.62 -17.64
N SER A 374 7.85 -1.84 -17.66
N SER A 374 7.85 -1.84 -17.67
CA SER A 374 8.58 -2.34 -18.87
CA SER A 374 8.57 -2.33 -18.86
C SER A 374 7.68 -3.06 -19.89
C SER A 374 7.68 -3.06 -19.89
N TYR A 375 6.42 -3.27 -19.53
CA TYR A 375 5.50 -4.01 -20.35
C TYR A 375 4.24 -3.16 -20.62
N LEU A 376 4.43 -2.13 -21.43
CA LEU A 376 3.35 -1.19 -21.71
C LEU A 376 2.17 -1.81 -22.44
N SER A 377 2.44 -2.76 -23.33
CA SER A 377 1.36 -3.42 -24.07
C SER A 377 0.42 -4.27 -23.17
N THR A 378 0.90 -4.71 -22.02
CA THR A 378 0.04 -5.40 -21.06
C THR A 378 -0.23 -4.59 -19.73
N TYR A 379 -0.03 -3.28 -19.75
CA TYR A 379 -0.39 -2.40 -18.62
C TYR A 379 -1.92 -2.22 -18.73
N LEU A 380 -2.67 -3.03 -17.97
CA LEU A 380 -4.10 -3.18 -18.17
C LEU A 380 -4.86 -3.13 -16.88
N PRO A 381 -6.21 -2.95 -16.96
CA PRO A 381 -6.99 -2.95 -15.75
C PRO A 381 -6.73 -4.14 -14.85
N PHE A 382 -6.83 -3.89 -13.55
CA PHE A 382 -6.65 -4.98 -12.59
C PHE A 382 -7.66 -6.11 -12.78
N GLY A 383 -7.17 -7.33 -12.70
CA GLY A 383 -8.03 -8.49 -12.87
C GLY A 383 -8.18 -8.94 -14.33
N ASN A 384 -7.74 -8.15 -15.30
CA ASN A 384 -7.70 -8.59 -16.70
C ASN A 384 -6.58 -9.62 -16.71
N THR A 385 -6.82 -10.85 -17.18
CA THR A 385 -5.81 -11.92 -17.08
C THR A 385 -4.56 -11.70 -17.92
N ASN A 386 -4.60 -10.74 -18.84
CA ASN A 386 -3.40 -10.40 -19.61
C ASN A 386 -2.60 -9.30 -18.92
N GLU A 387 -3.08 -8.76 -17.80
CA GLU A 387 -2.36 -7.74 -17.08
C GLU A 387 -1.07 -8.36 -16.62
N THR A 388 0.04 -7.65 -16.82
CA THR A 388 1.39 -8.20 -16.60
C THR A 388 1.58 -9.09 -15.34
N LEU A 389 1.41 -8.52 -14.14
CA LEU A 389 1.76 -9.26 -12.94
C LEU A 389 0.77 -10.38 -12.68
N LEU A 390 -0.52 -10.17 -12.96
CA LEU A 390 -1.49 -11.26 -12.74
C LEU A 390 -1.21 -12.37 -13.77
N ASN A 391 -0.98 -12.02 -15.02
CA ASN A 391 -0.66 -12.99 -16.05
C ASN A 391 0.54 -13.85 -15.65
N ALA A 392 1.55 -13.21 -15.06
CA ALA A 392 2.76 -13.94 -14.63
C ALA A 392 2.41 -15.01 -13.61
N ALA A 393 1.62 -14.64 -12.60
CA ALA A 393 1.20 -15.55 -11.57
C ALA A 393 0.45 -16.71 -12.20
N LEU A 394 -0.48 -16.39 -13.07
CA LEU A 394 -1.29 -17.45 -13.71
C LEU A 394 -0.44 -18.42 -14.52
N LYS A 395 0.59 -17.90 -15.19
CA LYS A 395 1.46 -18.76 -15.95
C LYS A 395 2.34 -19.60 -15.02
N ILE A 396 2.89 -18.96 -13.99
CA ILE A 396 3.77 -19.68 -13.06
C ILE A 396 3.03 -20.83 -12.35
N MSE A 397 1.80 -20.61 -11.92
CA MSE A 397 1.08 -21.68 -11.23
C MSE A 397 0.71 -22.80 -12.21
O MSE A 397 0.45 -23.90 -11.80
CB MSE A 397 -0.17 -21.12 -10.53
CG MSE A 397 -1.31 -20.76 -11.45
SE MSE A 397 -2.90 -20.06 -10.57
CE MSE A 397 -2.14 -18.37 -9.86
N SER A 398 0.67 -22.51 -13.49
CA SER A 398 0.32 -23.53 -14.47
C SER A 398 1.54 -24.17 -15.09
N GLY A 399 2.73 -23.72 -14.73
CA GLY A 399 3.99 -24.22 -15.33
C GLY A 399 4.34 -23.74 -16.71
N ILE A 400 3.66 -22.70 -17.19
CA ILE A 400 3.85 -22.13 -18.53
C ILE A 400 5.14 -21.34 -18.49
N THR A 401 5.33 -20.60 -17.40
CA THR A 401 6.62 -19.94 -17.15
C THR A 401 7.32 -20.92 -16.20
N ASP A 402 8.60 -21.23 -16.47
CA ASP A 402 9.40 -22.16 -15.66
C ASP A 402 9.40 -21.73 -14.18
CL CL B . -7.96 1.00 -11.16
C1 GOL C . 0.92 5.07 -7.96
O1 GOL C . -0.13 4.19 -7.64
C2 GOL C . 1.35 4.78 -9.42
O2 GOL C . 1.25 5.92 -10.27
C3 GOL C . 2.74 4.14 -9.44
O3 GOL C . 3.13 3.72 -10.73
C1 GOL D . 16.82 -8.69 0.16
O1 GOL D . 16.61 -7.89 1.32
C2 GOL D . 17.82 -8.12 -0.87
O2 GOL D . 18.83 -7.26 -0.35
C3 GOL D . 18.44 -9.17 -1.80
O3 GOL D . 18.15 -10.53 -1.51
#